data_8HCL
#
_entry.id   8HCL
#
_cell.length_a   40.010
_cell.length_b   86.470
_cell.length_c   57.150
_cell.angle_alpha   90.000
_cell.angle_beta   103.966
_cell.angle_gamma   90.000
#
_symmetry.space_group_name_H-M   'P 1 21 1'
#
loop_
_entity.id
_entity.type
_entity.pdbx_description
1 polymer "DNA (5'-D(P*TP*GP*AP*AP*GP*TP*GP*AP*AP*AP*GP*T)-3')"
2 polymer "DNA (5'-D(P*AP*CP*TP*TP*TP*CP*AP*CP*TP*TP*CP*A)-3')"
3 polymer 'Interferon regulatory factor 10'
4 water water
#
loop_
_entity_poly.entity_id
_entity_poly.type
_entity_poly.pdbx_seq_one_letter_code
_entity_poly.pdbx_strand_id
1 'polydeoxyribonucleotide' (DT)(DG)(DA)(DA)(DG)(DT)(DG)(DA)(DA)(DA)(DG)(DT) C,F
2 'polydeoxyribonucleotide' (DA)(DC)(DT)(DT)(DT)(DC)(DA)(DC)(DT)(DT)(DC)(DA) D,E
3 'polypeptide(L)'
;MRLREWLIAQIDSAEYPGLSWENAEKSMFRIPWKHAAKQDYRQNQDAALFKAWAMYKGKFQEGRDKADPSTWKTRLRCAL
NKSTDFQEVSERSQLDISEPYKVYRILED
;
A,B
#
# COMPACT_ATOMS: atom_id res chain seq x y z
N MET E 1 1.54 10.19 -4.90
CA MET E 1 0.21 10.34 -5.48
C MET E 1 -0.67 11.17 -4.58
N ARG E 2 -1.35 12.12 -5.18
CA ARG E 2 -2.35 12.91 -4.47
C ARG E 2 -3.61 12.06 -4.30
N LEU E 3 -4.56 12.55 -3.49
CA LEU E 3 -5.74 11.74 -3.18
C LEU E 3 -6.49 11.35 -4.43
N ARG E 4 -6.63 12.26 -5.40
CA ARG E 4 -7.38 11.89 -6.61
C ARG E 4 -6.70 10.75 -7.35
N GLU E 5 -5.40 10.84 -7.57
CA GLU E 5 -4.75 9.76 -8.31
C GLU E 5 -4.77 8.47 -7.50
N TRP E 6 -4.52 8.57 -6.20
CA TRP E 6 -4.51 7.41 -5.32
C TRP E 6 -5.86 6.68 -5.34
N LEU E 7 -6.97 7.41 -5.16
CA LEU E 7 -8.27 6.75 -5.17
C LEU E 7 -8.59 6.16 -6.54
N ILE E 8 -8.26 6.86 -7.64
CA ILE E 8 -8.44 6.29 -8.97
C ILE E 8 -7.83 4.90 -9.03
N ALA E 9 -6.57 4.81 -8.58
CA ALA E 9 -5.92 3.51 -8.57
C ALA E 9 -6.65 2.53 -7.67
N GLN E 10 -7.16 2.97 -6.50
CA GLN E 10 -7.84 1.99 -5.65
C GLN E 10 -9.15 1.52 -6.30
N ILE E 11 -9.91 2.44 -6.89
CA ILE E 11 -11.16 2.01 -7.56
C ILE E 11 -10.84 1.05 -8.71
N ASP E 12 -9.94 1.46 -9.61
CA ASP E 12 -9.57 0.62 -10.76
C ASP E 12 -9.13 -0.77 -10.33
N SER E 13 -8.31 -0.85 -9.27
CA SER E 13 -7.77 -2.12 -8.82
C SER E 13 -8.85 -3.17 -8.57
N ALA E 14 -10.09 -2.76 -8.32
CA ALA E 14 -11.16 -3.67 -7.93
C ALA E 14 -10.83 -4.46 -6.67
N GLU E 15 -9.91 -3.99 -5.84
CA GLU E 15 -9.52 -4.79 -4.70
C GLU E 15 -10.39 -4.55 -3.48
N TYR E 16 -11.28 -3.56 -3.52
CA TYR E 16 -12.10 -3.24 -2.37
C TYR E 16 -13.54 -3.48 -2.77
N PRO E 17 -14.21 -4.50 -2.24
CA PRO E 17 -15.55 -4.81 -2.72
C PRO E 17 -16.47 -3.61 -2.53
N GLY E 18 -17.20 -3.28 -3.61
CA GLY E 18 -18.12 -2.16 -3.65
C GLY E 18 -17.49 -0.81 -3.97
N LEU E 19 -16.17 -0.71 -4.02
CA LEU E 19 -15.51 0.53 -4.41
C LEU E 19 -15.28 0.40 -5.89
N SER E 20 -16.16 1.03 -6.66
CA SER E 20 -16.26 0.70 -8.08
C SER E 20 -16.88 1.87 -8.83
N TRP E 21 -16.71 1.82 -10.13
CA TRP E 21 -17.07 2.93 -10.98
C TRP E 21 -18.59 2.99 -11.11
N GLU E 22 -19.12 4.20 -10.95
CA GLU E 22 -20.55 4.43 -11.00
C GLU E 22 -21.09 4.45 -12.42
N ASN E 23 -20.24 4.81 -13.38
CA ASN E 23 -20.68 4.98 -14.76
C ASN E 23 -19.55 4.66 -15.74
N ALA E 24 -19.93 4.59 -17.02
CA ALA E 24 -19.07 3.94 -18.00
C ALA E 24 -17.81 4.74 -18.24
N GLU E 25 -17.91 6.07 -18.17
CA GLU E 25 -16.82 7.00 -18.47
C GLU E 25 -15.89 7.16 -17.28
N LYS E 26 -16.23 6.56 -16.14
CA LYS E 26 -15.41 6.58 -14.93
C LYS E 26 -15.21 8.00 -14.39
N SER E 27 -16.28 8.81 -14.32
CA SER E 27 -16.27 10.13 -13.69
C SER E 27 -16.90 10.12 -12.31
N MET E 28 -17.53 9.01 -11.95
CA MET E 28 -18.31 8.89 -10.73
C MET E 28 -17.99 7.55 -10.10
N PHE E 29 -17.90 7.48 -8.79
CA PHE E 29 -17.68 6.19 -8.14
C PHE E 29 -18.50 6.06 -6.88
N ARG E 30 -18.70 4.79 -6.50
CA ARG E 30 -19.28 4.37 -5.23
C ARG E 30 -18.19 4.03 -4.22
N ILE E 31 -18.33 4.56 -3.01
CA ILE E 31 -17.45 4.22 -1.90
C ILE E 31 -18.29 3.61 -0.79
N PRO E 32 -18.07 2.34 -0.45
CA PRO E 32 -18.84 1.72 0.64
C PRO E 32 -18.70 2.51 1.93
N TRP E 33 -19.81 2.56 2.68
CA TRP E 33 -19.94 3.52 3.78
C TRP E 33 -20.78 2.91 4.90
N LYS E 34 -20.46 1.69 5.30
CA LYS E 34 -21.30 0.99 6.27
C LYS E 34 -21.08 1.50 7.69
N HIS E 35 -22.15 1.82 8.40
CA HIS E 35 -22.04 2.28 9.78
C HIS E 35 -21.39 1.22 10.65
N ALA E 36 -20.37 1.60 11.40
CA ALA E 36 -19.55 0.60 12.10
C ALA E 36 -20.29 -0.14 13.24
N ALA E 37 -21.47 0.32 13.66
CA ALA E 37 -22.21 -0.40 14.69
C ALA E 37 -23.05 -1.55 14.15
N LYS E 38 -23.15 -1.68 12.82
CA LYS E 38 -24.02 -2.67 12.19
C LYS E 38 -23.50 -4.07 12.51
N GLN E 39 -24.43 -5.06 12.59
CA GLN E 39 -24.03 -6.46 12.82
C GLN E 39 -22.86 -6.84 11.98
N ASP E 40 -23.14 -6.72 10.70
CA ASP E 40 -22.46 -7.34 9.59
C ASP E 40 -21.30 -6.50 9.10
N TYR E 41 -20.93 -5.49 9.88
CA TYR E 41 -19.73 -4.71 9.64
C TYR E 41 -18.51 -5.55 10.02
N ARG E 42 -17.50 -5.53 9.16
CA ARG E 42 -16.25 -6.24 9.40
C ARG E 42 -15.14 -5.24 9.10
N GLN E 43 -14.26 -4.95 10.09
CA GLN E 43 -13.22 -3.95 9.81
C GLN E 43 -12.34 -4.36 8.64
N ASN E 44 -11.98 -5.66 8.56
CA ASN E 44 -10.99 -6.06 7.58
C ASN E 44 -11.45 -5.74 6.17
N GLN E 45 -12.75 -5.85 5.93
CA GLN E 45 -13.33 -5.49 4.65
C GLN E 45 -13.84 -4.05 4.66
N ASP E 46 -14.59 -3.65 5.69
CA ASP E 46 -15.32 -2.38 5.56
C ASP E 46 -14.44 -1.18 5.85
N ALA E 47 -13.35 -1.35 6.59
CA ALA E 47 -12.48 -0.23 6.92
C ALA E 47 -11.18 -0.28 6.12
N ALA E 48 -11.06 -1.21 5.19
CA ALA E 48 -9.76 -1.45 4.57
C ALA E 48 -9.30 -0.26 3.75
N LEU E 49 -10.23 0.35 3.00
CA LEU E 49 -9.87 1.53 2.21
C LEU E 49 -9.42 2.67 3.11
N PHE E 50 -10.20 2.96 4.16
CA PHE E 50 -9.83 4.05 5.06
C PHE E 50 -8.45 3.80 5.69
N LYS E 51 -8.24 2.57 6.18
CA LYS E 51 -6.94 2.11 6.66
C LYS E 51 -5.83 2.38 5.65
N ALA E 52 -6.06 1.99 4.39
CA ALA E 52 -5.03 2.14 3.37
C ALA E 52 -4.64 3.60 3.21
N TRP E 53 -5.61 4.51 3.20
CA TRP E 53 -5.26 5.91 3.06
C TRP E 53 -4.43 6.37 4.25
N ALA E 54 -4.85 5.99 5.45
CA ALA E 54 -4.07 6.35 6.62
C ALA E 54 -2.65 5.83 6.51
N MET E 55 -2.45 4.60 6.01
CA MET E 55 -1.08 4.13 5.97
C MET E 55 -0.31 4.77 4.84
N TYR E 56 -0.99 5.05 3.72
CA TYR E 56 -0.32 5.68 2.60
C TYR E 56 0.23 7.04 2.99
N LYS E 57 -0.45 7.76 3.88
CA LYS E 57 0.04 9.06 4.32
C LYS E 57 0.82 8.99 5.62
N GLY E 58 1.08 7.80 6.14
CA GLY E 58 1.89 7.70 7.33
C GLY E 58 1.17 8.11 8.58
N LYS E 59 -0.15 8.09 8.54
CA LYS E 59 -0.93 8.49 9.70
C LYS E 59 -1.34 7.29 10.56
N PHE E 60 -0.91 6.08 10.20
CA PHE E 60 -1.11 4.92 11.06
C PHE E 60 -0.08 3.84 10.75
N GLN E 61 0.82 3.54 11.70
CA GLN E 61 1.60 2.31 11.63
C GLN E 61 1.16 1.40 12.76
N GLU E 62 0.82 0.15 12.39
CA GLU E 62 0.44 -0.85 13.38
C GLU E 62 1.61 -0.99 14.35
N GLY E 63 1.42 -0.51 15.57
CA GLY E 63 2.50 -0.43 16.52
C GLY E 63 2.53 0.91 17.23
N ARG E 64 2.93 1.97 16.52
CA ARG E 64 2.97 3.29 17.13
C ARG E 64 1.57 3.80 17.42
N ASP E 65 0.58 3.41 16.62
CA ASP E 65 -0.70 4.09 16.59
C ASP E 65 -1.83 3.15 17.00
N LYS E 66 -2.67 3.64 17.92
CA LYS E 66 -3.97 3.04 18.19
C LYS E 66 -4.75 2.87 16.88
N ALA E 67 -5.25 1.66 16.66
CA ALA E 67 -5.98 1.37 15.41
C ALA E 67 -7.44 1.74 15.61
N ASP E 68 -7.83 2.90 15.07
CA ASP E 68 -9.17 3.49 15.26
C ASP E 68 -9.82 3.72 13.90
N PRO E 69 -10.62 2.76 13.42
CA PRO E 69 -11.30 2.93 12.13
C PRO E 69 -12.22 4.13 12.07
N SER E 70 -12.74 4.59 13.21
CA SER E 70 -13.54 5.81 13.16
C SER E 70 -12.68 7.03 12.77
N THR E 71 -11.40 7.08 13.18
CA THR E 71 -10.57 8.23 12.78
C THR E 71 -10.04 8.07 11.37
N TRP E 72 -9.85 6.83 10.90
CA TRP E 72 -9.56 6.58 9.48
C TRP E 72 -10.71 7.03 8.58
N LYS E 73 -11.95 6.73 8.98
CA LYS E 73 -13.12 7.10 8.19
C LYS E 73 -13.28 8.60 8.11
N THR E 74 -13.26 9.28 9.26
CA THR E 74 -13.40 10.74 9.22
C THR E 74 -12.29 11.38 8.41
N ARG E 75 -11.06 10.85 8.50
CA ARG E 75 -9.98 11.46 7.72
C ARG E 75 -10.30 11.41 6.23
N LEU E 76 -10.72 10.25 5.71
CA LEU E 76 -11.04 10.23 4.28
C LEU E 76 -12.24 11.11 3.98
N ARG E 77 -13.28 11.06 4.83
CA ARG E 77 -14.46 11.88 4.59
C ARG E 77 -14.10 13.35 4.52
N CYS E 78 -13.30 13.84 5.47
CA CYS E 78 -12.97 15.25 5.48
C CYS E 78 -12.09 15.61 4.29
N ALA E 79 -11.14 14.74 3.96
CA ALA E 79 -10.32 14.93 2.77
C ALA E 79 -11.19 15.01 1.51
N LEU E 80 -12.09 14.04 1.31
CA LEU E 80 -12.98 14.10 0.15
C LEU E 80 -13.79 15.38 0.13
N ASN E 81 -14.31 15.81 1.28
CA ASN E 81 -15.22 16.94 1.20
C ASN E 81 -14.49 18.26 1.05
N LYS E 82 -13.23 18.31 1.45
CA LYS E 82 -12.49 19.55 1.43
C LYS E 82 -11.88 19.79 0.07
N SER E 83 -11.60 18.73 -0.71
CA SER E 83 -10.82 18.94 -1.93
C SER E 83 -11.74 19.28 -3.09
N THR E 84 -11.25 20.18 -3.91
CA THR E 84 -11.96 20.57 -5.12
C THR E 84 -11.83 19.53 -6.22
N ASP E 85 -11.06 18.46 -5.98
CA ASP E 85 -11.00 17.35 -6.93
C ASP E 85 -12.20 16.41 -6.85
N PHE E 86 -13.06 16.56 -5.87
CA PHE E 86 -14.20 15.64 -5.73
C PHE E 86 -15.46 16.44 -5.48
N GLN E 87 -16.59 15.79 -5.75
CA GLN E 87 -17.89 16.34 -5.37
C GLN E 87 -18.82 15.20 -5.03
N GLU E 88 -19.38 15.26 -3.83
CA GLU E 88 -20.34 14.25 -3.39
C GLU E 88 -21.63 14.42 -4.18
N VAL E 89 -22.15 13.33 -4.70
CA VAL E 89 -23.46 13.39 -5.35
C VAL E 89 -24.44 12.65 -4.47
N SER E 90 -24.95 13.34 -3.45
CA SER E 90 -25.82 12.67 -2.50
C SER E 90 -27.07 12.11 -3.17
N GLU E 91 -27.44 12.62 -4.34
CA GLU E 91 -28.65 12.16 -5.03
C GLU E 91 -28.58 10.68 -5.36
N ARG E 92 -27.43 10.18 -5.81
CA ARG E 92 -27.31 8.76 -6.10
C ARG E 92 -26.53 8.00 -5.04
N SER E 93 -26.20 8.64 -3.93
CA SER E 93 -25.63 7.93 -2.79
C SER E 93 -26.77 7.24 -2.07
N GLN E 94 -26.70 5.90 -1.99
CA GLN E 94 -27.73 5.04 -1.39
C GLN E 94 -27.28 4.52 -0.02
N LEU E 95 -27.74 5.17 1.05
CA LEU E 95 -27.33 4.87 2.42
C LEU E 95 -28.32 4.00 3.20
N ASP E 96 -29.42 3.57 2.59
CA ASP E 96 -30.44 2.83 3.31
C ASP E 96 -30.42 1.34 3.00
N ILE E 97 -29.43 0.87 2.25
CA ILE E 97 -29.44 -0.50 1.77
C ILE E 97 -28.53 -1.38 2.63
N SER E 98 -28.32 -2.62 2.21
CA SER E 98 -27.51 -3.54 3.01
C SER E 98 -26.01 -3.28 2.85
N GLU E 99 -25.57 -2.96 1.63
CA GLU E 99 -24.20 -2.51 1.38
C GLU E 99 -24.23 -1.05 0.98
N PRO E 100 -24.46 -0.16 1.95
CA PRO E 100 -24.65 1.25 1.61
C PRO E 100 -23.36 1.86 1.13
N TYR E 101 -23.50 2.86 0.29
CA TYR E 101 -22.33 3.50 -0.30
C TYR E 101 -22.71 4.94 -0.60
N LYS E 102 -21.69 5.78 -0.65
CA LYS E 102 -21.80 7.15 -1.09
C LYS E 102 -21.29 7.20 -2.53
N VAL E 103 -21.77 8.17 -3.29
CA VAL E 103 -21.26 8.40 -4.65
C VAL E 103 -20.54 9.74 -4.66
N TYR E 104 -19.40 9.80 -5.34
CA TYR E 104 -18.63 11.03 -5.54
C TYR E 104 -18.34 11.20 -7.02
N ARG E 105 -18.32 12.44 -7.49
CA ARG E 105 -17.78 12.81 -8.80
C ARG E 105 -16.34 13.23 -8.67
N ILE E 106 -15.52 12.83 -9.64
CA ILE E 106 -14.13 13.24 -9.69
C ILE E 106 -14.01 14.36 -10.70
N LEU E 107 -13.55 15.51 -10.25
CA LEU E 107 -13.40 16.64 -11.12
C LEU E 107 -12.05 16.59 -11.80
N GLU E 108 -12.05 16.73 -13.12
CA GLU E 108 -10.85 16.62 -13.92
C GLU E 108 -10.19 17.99 -14.03
N ASP E 109 -8.86 18.01 -13.82
CA ASP E 109 -7.95 19.17 -13.84
C ASP E 109 -7.57 19.60 -12.42
N MET F 1 27.44 2.66 -7.75
CA MET F 1 27.16 2.49 -6.32
C MET F 1 26.95 1.02 -5.96
N ARG F 2 27.66 0.56 -4.94
CA ARG F 2 27.60 -0.84 -4.53
C ARG F 2 26.42 -1.08 -3.59
N LEU F 3 26.16 -2.36 -3.31
CA LEU F 3 24.95 -2.75 -2.61
C LEU F 3 24.80 -2.06 -1.24
N ARG F 4 25.84 -2.13 -0.39
CA ARG F 4 25.65 -1.60 0.96
C ARG F 4 25.27 -0.13 0.93
N GLU F 5 25.77 0.57 -0.08
CA GLU F 5 25.59 2.00 -0.22
C GLU F 5 24.19 2.27 -0.75
N TRP F 6 23.80 1.48 -1.74
CA TRP F 6 22.48 1.54 -2.36
C TRP F 6 21.38 1.15 -1.38
N LEU F 7 21.62 0.13 -0.58
CA LEU F 7 20.60 -0.35 0.35
C LEU F 7 20.35 0.68 1.44
N ILE F 8 21.40 1.18 2.07
CA ILE F 8 21.22 2.20 3.11
C ILE F 8 20.41 3.37 2.57
N ALA F 9 20.75 3.81 1.36
CA ALA F 9 19.99 4.88 0.70
C ALA F 9 18.50 4.54 0.63
N GLN F 10 18.17 3.31 0.19
CA GLN F 10 16.77 2.91 0.09
C GLN F 10 16.05 2.95 1.44
N ILE F 11 16.74 2.59 2.54
CA ILE F 11 16.10 2.73 3.86
C ILE F 11 15.90 4.20 4.19
N ASP F 12 16.96 5.01 4.08
CA ASP F 12 16.84 6.45 4.25
C ASP F 12 15.70 7.05 3.43
N SER F 13 15.56 6.62 2.17
CA SER F 13 14.56 7.21 1.31
C SER F 13 13.15 7.12 1.89
N ALA F 14 12.88 6.07 2.67
CA ALA F 14 11.55 5.78 3.21
C ALA F 14 10.49 5.54 2.13
N GLU F 15 10.89 5.51 0.87
CA GLU F 15 9.95 5.31 -0.22
C GLU F 15 9.44 3.88 -0.34
N TYR F 16 10.04 2.92 0.37
CA TYR F 16 9.52 1.56 0.33
C TYR F 16 8.75 1.24 1.59
N PRO F 17 7.42 1.12 1.51
CA PRO F 17 6.65 0.71 2.70
C PRO F 17 7.18 -0.59 3.27
N GLY F 18 7.63 -0.51 4.51
CA GLY F 18 8.11 -1.67 5.23
C GLY F 18 9.61 -1.77 5.32
N LEU F 19 10.35 -1.01 4.53
CA LEU F 19 11.81 -0.95 4.61
C LEU F 19 12.23 0.21 5.51
N SER F 20 12.53 -0.09 6.78
CA SER F 20 12.79 0.95 7.76
C SER F 20 13.86 0.52 8.75
N TRP F 21 14.48 1.53 9.37
CA TRP F 21 15.39 1.30 10.49
C TRP F 21 14.63 0.90 11.75
N GLU F 22 15.28 0.11 12.60
CA GLU F 22 14.74 -0.19 13.92
C GLU F 22 15.50 0.50 15.04
N ASN F 23 16.35 1.47 14.73
CA ASN F 23 17.09 2.24 15.73
C ASN F 23 17.92 3.37 15.12
N LYS F 26 20.77 3.49 13.51
CA LYS F 26 20.60 2.90 12.18
C LYS F 26 21.62 1.79 11.92
N SER F 27 21.57 0.76 12.75
CA SER F 27 22.44 -0.38 12.63
C SER F 27 21.68 -1.63 12.29
N MET F 28 20.37 -1.51 12.07
CA MET F 28 19.47 -2.64 11.93
C MET F 28 18.20 -2.15 11.26
N PHE F 29 17.68 -2.96 10.33
CA PHE F 29 16.54 -2.53 9.55
C PHE F 29 15.69 -3.74 9.21
N ARG F 30 14.48 -3.44 8.79
CA ARG F 30 13.51 -4.43 8.35
C ARG F 30 13.48 -4.42 6.83
N ILE F 31 13.34 -5.60 6.22
CA ILE F 31 13.06 -5.69 4.80
C ILE F 31 11.83 -6.56 4.58
N PRO F 32 10.78 -6.05 3.92
CA PRO F 32 9.55 -6.84 3.74
C PRO F 32 9.79 -8.04 2.85
N TRP F 33 9.19 -9.16 3.23
CA TRP F 33 9.63 -10.42 2.66
C TRP F 33 8.45 -11.35 2.48
N LYS F 34 7.42 -10.88 1.80
CA LYS F 34 6.20 -11.68 1.70
C LYS F 34 6.39 -12.77 0.67
N HIS F 35 5.88 -13.97 0.99
CA HIS F 35 5.96 -15.12 0.11
C HIS F 35 4.96 -14.97 -1.03
N ALA F 36 5.42 -15.15 -2.27
CA ALA F 36 4.59 -14.84 -3.43
C ALA F 36 3.39 -15.77 -3.57
N ALA F 37 3.29 -16.82 -2.78
CA ALA F 37 2.06 -17.61 -2.83
C ALA F 37 1.00 -17.08 -1.88
N LYS F 38 1.35 -16.17 -0.98
CA LYS F 38 0.38 -15.68 -0.01
C LYS F 38 -0.79 -15.02 -0.73
N GLN F 39 -2.00 -15.24 -0.18
CA GLN F 39 -3.22 -14.79 -0.87
C GLN F 39 -3.22 -13.28 -1.05
N ASP F 40 -2.74 -12.54 -0.06
CA ASP F 40 -2.66 -11.09 -0.14
C ASP F 40 -1.35 -10.60 -0.75
N TYR F 41 -0.68 -11.42 -1.57
CA TYR F 41 0.57 -10.98 -2.18
C TYR F 41 0.21 -10.16 -3.40
N ARG F 42 0.82 -8.99 -3.53
CA ARG F 42 0.61 -8.21 -4.74
C ARG F 42 1.97 -7.73 -5.21
N GLN F 43 2.38 -8.17 -6.39
CA GLN F 43 3.74 -7.97 -6.89
C GLN F 43 4.16 -6.49 -6.87
N ASN F 44 3.26 -5.58 -7.23
CA ASN F 44 3.68 -4.17 -7.33
C ASN F 44 4.05 -3.59 -5.99
N GLN F 45 3.48 -4.09 -4.90
CA GLN F 45 3.80 -3.61 -3.57
C GLN F 45 4.91 -4.44 -2.92
N ASP F 46 4.79 -5.76 -2.99
CA ASP F 46 5.63 -6.65 -2.21
C ASP F 46 7.00 -6.92 -2.87
N ALA F 47 7.13 -6.74 -4.18
CA ALA F 47 8.37 -6.98 -4.90
C ALA F 47 9.16 -5.70 -5.15
N ALA F 48 8.75 -4.58 -4.53
CA ALA F 48 9.26 -3.28 -4.97
C ALA F 48 10.76 -3.13 -4.72
N LEU F 49 11.26 -3.53 -3.55
CA LEU F 49 12.71 -3.42 -3.34
C LEU F 49 13.48 -4.33 -4.28
N PHE F 50 13.01 -5.57 -4.43
CA PHE F 50 13.68 -6.53 -5.31
C PHE F 50 13.70 -6.03 -6.75
N LYS F 51 12.52 -5.64 -7.29
CA LYS F 51 12.44 -4.73 -8.43
C LYS F 51 13.61 -3.76 -8.53
N ALA F 52 13.66 -2.84 -7.59
CA ALA F 52 14.54 -1.69 -7.70
C ALA F 52 15.99 -2.12 -7.83
N TRP F 53 16.41 -3.12 -7.04
CA TRP F 53 17.78 -3.61 -7.18
C TRP F 53 18.00 -4.24 -8.55
N ALA F 54 16.99 -4.95 -9.05
CA ALA F 54 17.10 -5.53 -10.39
C ALA F 54 17.22 -4.43 -11.45
N MET F 55 16.44 -3.37 -11.33
CA MET F 55 16.54 -2.25 -12.27
C MET F 55 17.88 -1.56 -12.13
N TYR F 56 18.26 -1.25 -10.88
CA TYR F 56 19.46 -0.47 -10.63
C TYR F 56 20.69 -1.08 -11.29
N LYS F 57 20.78 -2.40 -11.32
CA LYS F 57 21.91 -3.02 -11.99
C LYS F 57 21.54 -3.56 -13.34
N GLY F 58 20.45 -3.07 -13.92
CA GLY F 58 20.13 -3.41 -15.29
C GLY F 58 19.88 -4.88 -15.56
N LYS F 59 19.36 -5.62 -14.57
CA LYS F 59 18.84 -6.95 -14.84
C LYS F 59 17.35 -6.94 -15.16
N PHE F 60 16.65 -5.86 -14.86
CA PHE F 60 15.28 -5.67 -15.30
C PHE F 60 15.12 -4.26 -15.83
N GLN F 61 14.61 -4.15 -17.04
CA GLN F 61 14.38 -2.87 -17.69
C GLN F 61 13.00 -2.95 -18.32
N GLU F 62 12.14 -2.00 -17.98
CA GLU F 62 10.79 -2.02 -18.52
C GLU F 62 10.86 -1.89 -20.03
N GLY F 63 10.08 -2.73 -20.74
CA GLY F 63 10.22 -2.83 -22.19
C GLY F 63 10.75 -4.21 -22.56
N ARG F 64 12.07 -4.39 -22.47
CA ARG F 64 12.68 -5.68 -22.23
C ARG F 64 11.84 -6.85 -21.78
N ASP F 65 11.76 -6.99 -20.46
CA ASP F 65 11.71 -8.26 -19.78
C ASP F 65 10.36 -8.53 -19.12
N LYS F 66 10.06 -9.81 -19.01
CA LYS F 66 8.90 -10.33 -18.30
C LYS F 66 9.11 -10.07 -16.80
N ALA F 67 8.07 -9.64 -16.10
CA ALA F 67 8.15 -9.57 -14.64
C ALA F 67 8.47 -10.95 -14.08
N ASP F 68 9.45 -11.03 -13.19
CA ASP F 68 9.86 -12.30 -12.60
C ASP F 68 10.27 -12.07 -11.16
N PRO F 69 9.31 -11.78 -10.30
CA PRO F 69 9.62 -11.52 -8.89
C PRO F 69 10.46 -12.62 -8.23
N SER F 70 10.33 -13.89 -8.63
CA SER F 70 11.12 -14.91 -7.95
C SER F 70 12.62 -14.70 -8.18
N THR F 71 13.02 -14.47 -9.44
CA THR F 71 14.42 -14.14 -9.69
C THR F 71 14.85 -12.84 -9.02
N TRP F 72 13.97 -11.82 -8.99
CA TRP F 72 14.37 -10.59 -8.30
C TRP F 72 14.67 -10.85 -6.84
N LYS F 73 13.77 -11.57 -6.16
CA LYS F 73 13.99 -11.90 -4.76
C LYS F 73 15.30 -12.68 -4.57
N THR F 74 15.49 -13.75 -5.35
CA THR F 74 16.66 -14.59 -5.13
C THR F 74 17.93 -13.78 -5.32
N ARG F 75 17.97 -12.89 -6.30
CA ARG F 75 19.19 -12.10 -6.53
C ARG F 75 19.57 -11.31 -5.28
N LEU F 76 18.63 -10.51 -4.76
CA LEU F 76 18.94 -9.74 -3.57
C LEU F 76 19.30 -10.64 -2.40
N ARG F 77 18.54 -11.73 -2.21
CA ARG F 77 18.87 -12.63 -1.11
C ARG F 77 20.27 -13.18 -1.26
N CYS F 78 20.60 -13.71 -2.44
CA CYS F 78 21.93 -14.26 -2.64
C CYS F 78 23.00 -13.20 -2.41
N ALA F 79 22.76 -11.97 -2.88
CA ALA F 79 23.70 -10.88 -2.62
C ALA F 79 23.90 -10.70 -1.11
N LEU F 80 22.80 -10.56 -0.39
CA LEU F 80 22.88 -10.39 1.06
C LEU F 80 23.58 -11.58 1.71
N ASN F 81 23.34 -12.79 1.22
CA ASN F 81 24.03 -13.94 1.77
C ASN F 81 25.54 -13.78 1.63
N LYS F 82 26.01 -13.23 0.52
CA LYS F 82 27.44 -13.11 0.31
C LYS F 82 28.04 -11.84 0.88
N SER F 83 27.23 -10.83 1.23
CA SER F 83 27.84 -9.55 1.52
C SER F 83 28.59 -9.61 2.84
N THR F 84 29.63 -8.81 2.90
CA THR F 84 30.40 -8.58 4.11
C THR F 84 29.86 -7.38 4.88
N ASP F 85 28.76 -6.79 4.43
CA ASP F 85 28.22 -5.66 5.17
C ASP F 85 26.99 -6.02 5.98
N PHE F 86 26.21 -7.01 5.56
CA PHE F 86 24.86 -7.22 6.08
C PHE F 86 24.71 -8.63 6.61
N GLN F 87 23.98 -8.78 7.72
CA GLN F 87 23.60 -10.10 8.21
C GLN F 87 22.18 -10.13 8.75
N GLU F 88 21.45 -11.18 8.43
CA GLU F 88 20.15 -11.39 9.08
C GLU F 88 20.30 -11.71 10.56
N VAL F 89 19.35 -11.23 11.36
CA VAL F 89 19.15 -11.63 12.75
C VAL F 89 17.84 -12.39 12.78
N SER F 90 17.92 -13.72 12.72
CA SER F 90 16.70 -14.44 12.39
C SER F 90 15.72 -14.56 13.55
N GLU F 91 16.16 -14.30 14.80
CA GLU F 91 15.20 -14.14 15.90
C GLU F 91 14.18 -13.06 15.59
N ARG F 92 14.67 -11.85 15.24
CA ARG F 92 13.81 -10.71 14.91
C ARG F 92 12.91 -10.98 13.71
N SER F 93 13.41 -11.73 12.72
CA SER F 93 12.67 -11.94 11.47
C SER F 93 11.35 -12.62 11.76
N GLN F 94 10.28 -12.14 11.13
CA GLN F 94 8.96 -12.70 11.35
C GLN F 94 8.35 -13.25 10.06
N PRO F 100 5.13 -9.17 6.87
CA PRO F 100 6.21 -10.10 7.19
C PRO F 100 7.50 -9.50 6.71
N TYR F 101 8.59 -9.74 7.44
CA TYR F 101 9.87 -9.12 7.13
C TYR F 101 11.00 -9.96 7.71
N LYS F 102 12.17 -9.85 7.08
CA LYS F 102 13.42 -10.25 7.72
C LYS F 102 14.09 -9.02 8.30
N VAL F 103 14.82 -9.16 9.41
CA VAL F 103 15.60 -8.02 9.87
C VAL F 103 17.06 -8.34 9.62
N TYR F 104 17.79 -7.32 9.21
CA TYR F 104 19.19 -7.43 8.87
C TYR F 104 19.91 -6.41 9.72
N ARG F 105 21.15 -6.70 10.04
CA ARG F 105 22.00 -5.71 10.69
C ARG F 105 23.21 -5.46 9.83
N ILE F 106 23.84 -4.32 10.08
CA ILE F 106 25.00 -3.90 9.33
C ILE F 106 26.26 -4.35 10.04
#